data_2QHV
#
_entry.id   2QHV
#
_cell.length_a   63.670
_cell.length_b   63.670
_cell.length_c   113.962
_cell.angle_alpha   90.000
_cell.angle_beta   90.000
_cell.angle_gamma   90.000
#
_symmetry.space_group_name_H-M   'P 41 21 2'
#
loop_
_entity.id
_entity.type
_entity.pdbx_description
1 polymer Lipoyltransferase
2 non-polymer OCTAN-1-OL
3 water water
#
_entity_poly.entity_id   1
_entity_poly.type   'polypeptide(L)'
_entity_poly.pdbx_seq_one_letter_code
;MEFLVEDLGLVPYGEAWAYQKRVHREVVAGNRPPTLLLLEHPRVITLGRKATGENLLFPESWYRENGFELYWVERGGDVT
YHGPGQLVGYPIFPVGREVRRFLRQIEEAIVRVAAGYGISAYPTPGYAGVWVGEDKLCAIGVAVKEGVSFHGFALNVNTD
LNDFTVIVPCGLKGKGVTSLEKLLGRKVPMEEAKARVVAAFAEVFGLRPV
;
_entity_poly.pdbx_strand_id   A
#
loop_
_chem_comp.id
_chem_comp.type
_chem_comp.name
_chem_comp.formula
OC9 non-polymer OCTAN-1-OL 'C8 H18 O'
#
# COMPACT_ATOMS: atom_id res chain seq x y z
N MET A 1 8.62 21.09 -5.44
CA MET A 1 9.06 21.40 -4.05
C MET A 1 8.06 20.99 -2.96
N GLU A 2 6.82 20.70 -3.35
CA GLU A 2 5.76 20.34 -2.41
C GLU A 2 4.99 19.09 -2.86
N PHE A 3 4.41 18.39 -1.89
CA PHE A 3 3.38 17.37 -2.19
C PHE A 3 2.16 17.57 -1.31
N LEU A 4 1.00 17.24 -1.84
CA LEU A 4 -0.26 17.39 -1.13
C LEU A 4 -0.65 16.07 -0.49
N VAL A 5 -1.00 16.11 0.79
CA VAL A 5 -1.53 14.95 1.48
C VAL A 5 -3.04 15.07 1.62
N GLU A 6 -3.76 14.03 1.22
CA GLU A 6 -5.20 13.95 1.51
C GLU A 6 -5.48 12.70 2.32
N ASP A 7 -6.10 12.89 3.48
CA ASP A 7 -6.52 11.78 4.32
C ASP A 7 -7.99 11.53 4.03
N LEU A 8 -8.27 10.43 3.34
CA LEU A 8 -9.65 10.10 2.98
C LEU A 8 -10.41 9.30 4.03
N GLY A 9 -9.72 8.94 5.11
CA GLY A 9 -10.34 8.04 6.08
C GLY A 9 -10.69 6.68 5.49
N LEU A 10 -11.80 6.12 5.94
CA LEU A 10 -12.28 4.82 5.46
C LEU A 10 -13.14 4.99 4.22
N VAL A 11 -12.69 4.41 3.10
CA VAL A 11 -13.40 4.55 1.83
C VAL A 11 -13.50 3.21 1.11
N PRO A 12 -14.70 2.85 0.59
CA PRO A 12 -14.86 1.67 -0.25
C PRO A 12 -13.87 1.66 -1.40
N TYR A 13 -13.32 0.47 -1.68
CA TYR A 13 -12.30 0.33 -2.70
C TYR A 13 -12.70 0.94 -4.05
N GLY A 14 -13.92 0.67 -4.50
CA GLY A 14 -14.32 1.09 -5.85
C GLY A 14 -14.38 2.60 -6.00
N GLU A 15 -14.99 3.27 -5.04
CA GLU A 15 -15.04 4.73 -5.00
C GLU A 15 -13.65 5.34 -4.86
N ALA A 16 -12.82 4.76 -3.99
CA ALA A 16 -11.46 5.26 -3.82
C ALA A 16 -10.67 5.10 -5.12
N TRP A 17 -10.90 4.00 -5.83
CA TRP A 17 -10.26 3.77 -7.11
C TRP A 17 -10.64 4.85 -8.13
N ALA A 18 -11.93 5.16 -8.20
CA ALA A 18 -12.39 6.22 -9.09
C ALA A 18 -11.73 7.54 -8.72
N TYR A 19 -11.55 7.77 -7.42
CA TYR A 19 -10.91 9.00 -6.97
C TYR A 19 -9.43 9.01 -7.38
N GLN A 20 -8.75 7.87 -7.23
CA GLN A 20 -7.37 7.75 -7.71
C GLN A 20 -7.26 8.23 -9.13
N LYS A 21 -8.19 7.78 -9.98
CA LYS A 21 -8.11 8.07 -11.41
C LYS A 21 -8.32 9.55 -11.67
N ARG A 22 -9.22 10.16 -10.92
CA ARG A 22 -9.47 11.60 -11.05
C ARG A 22 -8.26 12.42 -10.62
N VAL A 23 -7.64 12.01 -9.52
CA VAL A 23 -6.45 12.69 -9.01
C VAL A 23 -5.31 12.55 -10.01
N HIS A 24 -5.17 11.34 -10.54
CA HIS A 24 -4.15 11.02 -11.53
C HIS A 24 -4.27 11.94 -12.75
N ARG A 25 -5.48 12.08 -13.25
CA ARG A 25 -5.71 12.91 -14.44
C ARG A 25 -5.24 14.34 -14.17
N GLU A 26 -5.53 14.86 -12.98
CA GLU A 26 -5.13 16.24 -12.64
C GLU A 26 -3.61 16.38 -12.56
N VAL A 27 -2.94 15.38 -11.98
CA VAL A 27 -1.49 15.43 -11.89
C VAL A 27 -0.85 15.34 -13.28
N VAL A 28 -1.39 14.46 -14.12
CA VAL A 28 -0.91 14.33 -15.51
C VAL A 28 -1.01 15.68 -16.21
N ALA A 29 -2.12 16.38 -16.01
CA ALA A 29 -2.40 17.68 -16.62
C ALA A 29 -1.55 18.81 -16.06
N GLY A 30 -0.82 18.55 -14.96
CA GLY A 30 -0.01 19.59 -14.32
C GLY A 30 -0.87 20.55 -13.53
N ASN A 31 -2.05 20.08 -13.14
CA ASN A 31 -3.06 20.94 -12.49
C ASN A 31 -3.25 20.63 -11.03
N ARG A 32 -2.37 19.80 -10.49
CA ARG A 32 -2.40 19.39 -9.10
C ARG A 32 -0.98 18.99 -8.74
N PRO A 33 -0.54 19.30 -7.51
CA PRO A 33 0.78 18.83 -7.08
C PRO A 33 0.83 17.31 -6.91
N PRO A 34 2.03 16.73 -6.85
CA PRO A 34 2.15 15.32 -6.48
C PRO A 34 1.33 15.12 -5.21
N THR A 35 0.52 14.07 -5.19
CA THR A 35 -0.47 13.90 -4.15
C THR A 35 -0.32 12.53 -3.50
N LEU A 36 -0.24 12.53 -2.17
CA LEU A 36 -0.29 11.30 -1.41
C LEU A 36 -1.65 11.13 -0.75
N LEU A 37 -2.41 10.14 -1.21
CA LEU A 37 -3.68 9.79 -0.59
C LEU A 37 -3.40 8.78 0.52
N LEU A 38 -3.93 9.05 1.70
CA LEU A 38 -3.86 8.13 2.83
C LEU A 38 -5.27 7.73 3.23
N LEU A 39 -5.46 6.45 3.51
CA LEU A 39 -6.81 5.93 3.69
C LEU A 39 -6.82 4.51 4.25
N GLU A 40 -8.01 4.02 4.56
CA GLU A 40 -8.25 2.60 4.82
C GLU A 40 -9.37 2.14 3.91
N HIS A 41 -9.37 0.85 3.59
CA HIS A 41 -10.49 0.23 2.87
C HIS A 41 -11.25 -0.76 3.75
N PRO A 42 -12.58 -0.85 3.59
CA PRO A 42 -13.30 -2.04 4.06
C PRO A 42 -12.71 -3.29 3.42
N ARG A 43 -12.88 -4.46 4.07
CA ARG A 43 -12.23 -5.71 3.66
C ARG A 43 -12.39 -5.98 2.17
N VAL A 44 -11.26 -6.09 1.49
CA VAL A 44 -11.25 -6.25 0.05
C VAL A 44 -10.04 -7.08 -0.36
N ILE A 45 -10.24 -7.93 -1.37
CA ILE A 45 -9.16 -8.67 -2.02
C ILE A 45 -8.95 -8.05 -3.40
N THR A 46 -7.72 -7.71 -3.75
CA THR A 46 -7.43 -7.25 -5.11
C THR A 46 -6.41 -8.15 -5.80
N LEU A 47 -6.54 -8.25 -7.11
CA LEU A 47 -5.74 -9.18 -7.91
C LEU A 47 -5.09 -8.39 -9.04
N GLY A 48 -3.77 -8.25 -8.94
CA GLY A 48 -2.97 -7.43 -9.85
C GLY A 48 -2.50 -8.15 -11.08
N ARG A 49 -1.51 -7.56 -11.75
CA ARG A 49 -1.04 -8.02 -13.07
C ARG A 49 -0.52 -9.45 -13.10
N LYS A 50 -0.01 -9.95 -11.97
CA LYS A 50 0.58 -11.29 -11.89
C LYS A 50 -0.35 -12.30 -11.21
N ALA A 51 -1.58 -11.87 -10.91
CA ALA A 51 -2.51 -12.73 -10.20
C ALA A 51 -3.21 -13.72 -11.12
N THR A 52 -3.50 -14.91 -10.57
CA THR A 52 -4.33 -15.92 -11.23
C THR A 52 -5.32 -16.49 -10.22
N GLY A 53 -6.20 -17.36 -10.70
CA GLY A 53 -7.16 -18.05 -9.84
C GLY A 53 -6.51 -18.85 -8.73
N GLU A 54 -5.26 -19.29 -8.94
CA GLU A 54 -4.55 -20.07 -7.93
C GLU A 54 -4.23 -19.23 -6.68
N ASN A 55 -4.34 -17.91 -6.79
CA ASN A 55 -4.08 -16.99 -5.67
C ASN A 55 -5.23 -16.92 -4.68
N LEU A 56 -6.36 -17.51 -5.03
CA LEU A 56 -7.52 -17.58 -4.14
C LEU A 56 -7.72 -19.01 -3.67
N LEU A 57 -7.78 -19.20 -2.36
CA LEU A 57 -7.97 -20.53 -1.80
C LEU A 57 -9.37 -21.06 -2.11
N PHE A 58 -10.36 -20.22 -1.86
CA PHE A 58 -11.76 -20.52 -2.13
C PHE A 58 -12.21 -19.88 -3.46
N PRO A 59 -13.41 -20.23 -3.98
CA PRO A 59 -13.90 -19.51 -5.17
C PRO A 59 -14.19 -18.05 -4.86
N GLU A 60 -14.15 -17.19 -5.88
CA GLU A 60 -14.44 -15.77 -5.70
C GLU A 60 -15.75 -15.56 -4.94
N SER A 61 -16.76 -16.38 -5.25
CA SER A 61 -18.05 -16.28 -4.58
C SER A 61 -17.98 -16.40 -3.06
N TRP A 62 -17.06 -17.23 -2.57
CA TRP A 62 -16.91 -17.38 -1.12
C TRP A 62 -16.53 -16.05 -0.47
N TYR A 63 -15.59 -15.34 -1.09
CA TYR A 63 -15.12 -14.08 -0.51
C TYR A 63 -16.25 -13.08 -0.36
N ARG A 64 -17.07 -12.94 -1.40
CA ARG A 64 -18.18 -11.98 -1.36
C ARG A 64 -19.25 -12.38 -0.35
N GLU A 65 -19.46 -13.69 -0.20
CA GLU A 65 -20.39 -14.25 0.78
C GLU A 65 -19.88 -14.08 2.22
N ASN A 66 -18.59 -13.87 2.37
CA ASN A 66 -17.97 -13.79 3.68
C ASN A 66 -17.35 -12.43 3.99
N GLY A 67 -17.93 -11.38 3.39
CA GLY A 67 -17.66 -10.01 3.81
C GLY A 67 -16.51 -9.29 3.14
N PHE A 68 -15.96 -9.89 2.07
CA PHE A 68 -14.94 -9.22 1.25
C PHE A 68 -15.54 -8.64 -0.01
N GLU A 69 -15.01 -7.52 -0.48
CA GLU A 69 -15.18 -7.16 -1.87
C GLU A 69 -13.98 -7.74 -2.62
N LEU A 70 -14.10 -7.85 -3.94
CA LEU A 70 -13.05 -8.46 -4.74
C LEU A 70 -12.92 -7.79 -6.12
N TYR A 71 -11.70 -7.41 -6.49
CA TYR A 71 -11.48 -6.68 -7.75
C TYR A 71 -10.20 -7.10 -8.44
N TRP A 72 -10.24 -7.13 -9.78
CA TRP A 72 -9.04 -7.28 -10.61
C TRP A 72 -8.54 -5.90 -11.02
N VAL A 73 -7.25 -5.66 -10.79
CA VAL A 73 -6.64 -4.35 -10.98
C VAL A 73 -5.31 -4.42 -11.75
N GLU A 74 -4.79 -3.28 -12.18
CA GLU A 74 -3.63 -3.22 -13.08
C GLU A 74 -2.29 -2.88 -12.41
N ARG A 75 -2.26 -2.91 -11.08
CA ARG A 75 -1.02 -2.70 -10.34
C ARG A 75 -0.11 -3.91 -10.44
N GLY A 76 1.18 -3.69 -10.17
CA GLY A 76 2.14 -4.78 -10.05
C GLY A 76 1.78 -5.74 -8.93
N GLY A 77 2.30 -6.97 -9.03
CA GLY A 77 2.11 -8.00 -8.02
C GLY A 77 0.90 -8.90 -8.25
N ASP A 78 0.66 -9.83 -7.33
CA ASP A 78 -0.48 -10.72 -7.47
C ASP A 78 -1.65 -10.37 -6.55
N VAL A 79 -1.96 -11.24 -5.61
CA VAL A 79 -3.12 -11.02 -4.75
C VAL A 79 -2.73 -10.28 -3.47
N THR A 80 -3.63 -9.43 -2.99
CA THR A 80 -3.44 -8.84 -1.67
C THR A 80 -4.77 -8.59 -1.00
N TYR A 81 -4.70 -8.26 0.27
CA TYR A 81 -5.84 -7.94 1.11
C TYR A 81 -5.65 -6.55 1.71
N HIS A 82 -6.73 -5.76 1.69
CA HIS A 82 -6.82 -4.51 2.45
C HIS A 82 -8.02 -4.59 3.37
N GLY A 83 -7.88 -4.03 4.56
CA GLY A 83 -8.99 -4.00 5.51
C GLY A 83 -8.74 -2.97 6.59
N PRO A 84 -9.71 -2.79 7.49
CA PRO A 84 -9.54 -1.83 8.56
C PRO A 84 -8.25 -2.09 9.36
N GLY A 85 -7.55 -1.01 9.68
CA GLY A 85 -6.32 -1.09 10.43
C GLY A 85 -5.10 -1.11 9.55
N GLN A 86 -5.31 -1.23 8.24
CA GLN A 86 -4.20 -1.20 7.30
C GLN A 86 -4.14 0.17 6.67
N LEU A 87 -3.00 0.83 6.81
CA LEU A 87 -2.83 2.15 6.20
C LEU A 87 -2.45 1.99 4.73
N VAL A 88 -3.40 2.33 3.87
CA VAL A 88 -3.18 2.30 2.43
C VAL A 88 -2.74 3.68 1.96
N GLY A 89 -1.66 3.76 1.20
CA GLY A 89 -1.20 5.02 0.65
C GLY A 89 -1.07 4.91 -0.86
N TYR A 90 -1.64 5.89 -1.54
CA TYR A 90 -1.55 5.97 -3.00
C TYR A 90 -0.81 7.25 -3.36
N PRO A 91 0.52 7.14 -3.56
CA PRO A 91 1.26 8.29 -4.05
C PRO A 91 1.03 8.42 -5.55
N ILE A 92 0.38 9.50 -5.93
CA ILE A 92 0.07 9.78 -7.32
C ILE A 92 1.02 10.91 -7.71
N PHE A 93 2.18 10.49 -8.20
CA PHE A 93 3.37 11.34 -8.32
C PHE A 93 3.85 11.30 -9.77
N PRO A 94 4.40 12.42 -10.28
CA PRO A 94 4.95 12.45 -11.63
C PRO A 94 6.37 11.86 -11.69
N VAL A 95 6.42 10.54 -11.79
CA VAL A 95 7.66 9.76 -11.71
C VAL A 95 8.39 9.61 -13.04
N GLY A 96 7.69 9.89 -14.14
CA GLY A 96 8.25 9.71 -15.47
C GLY A 96 8.57 8.26 -15.76
N ARG A 97 9.79 8.02 -16.24
CA ARG A 97 10.23 6.71 -16.68
C ARG A 97 10.83 5.85 -15.57
N GLU A 98 11.22 6.48 -14.46
CA GLU A 98 11.99 5.82 -13.40
C GLU A 98 11.11 5.17 -12.33
N VAL A 99 10.45 4.08 -12.71
CA VAL A 99 9.55 3.36 -11.80
C VAL A 99 10.31 2.61 -10.71
N ARG A 100 11.43 1.95 -11.06
CA ARG A 100 12.21 1.20 -10.05
C ARG A 100 12.72 2.11 -8.94
N ARG A 101 13.21 3.29 -9.31
CA ARG A 101 13.65 4.30 -8.37
C ARG A 101 12.50 4.69 -7.42
N PHE A 102 11.33 4.90 -8.01
CA PHE A 102 10.15 5.29 -7.25
C PHE A 102 9.78 4.20 -6.23
N LEU A 103 9.81 2.95 -6.66
CA LEU A 103 9.53 1.83 -5.75
C LEU A 103 10.51 1.85 -4.58
N ARG A 104 11.78 2.10 -4.90
CA ARG A 104 12.82 2.10 -3.86
C ARG A 104 12.58 3.22 -2.87
N GLN A 105 12.07 4.37 -3.35
CA GLN A 105 11.77 5.49 -2.46
C GLN A 105 10.58 5.20 -1.54
N ILE A 106 9.54 4.56 -2.06
CA ILE A 106 8.42 4.11 -1.21
C ILE A 106 8.96 3.17 -0.12
N GLU A 107 9.73 2.18 -0.54
CA GLU A 107 10.37 1.24 0.38
C GLU A 107 11.15 1.97 1.46
N GLU A 108 11.98 2.92 1.05
CA GLU A 108 12.81 3.68 1.99
C GLU A 108 11.93 4.41 3.01
N ALA A 109 10.83 5.01 2.53
CA ALA A 109 9.93 5.75 3.42
C ALA A 109 9.37 4.82 4.49
N ILE A 110 8.93 3.63 4.06
CA ILE A 110 8.35 2.66 4.98
C ILE A 110 9.40 2.12 5.99
N VAL A 111 10.62 1.89 5.51
CA VAL A 111 11.72 1.48 6.40
C VAL A 111 11.95 2.54 7.47
N ARG A 112 11.90 3.82 7.08
CA ARG A 112 12.03 4.93 8.03
C ARG A 112 10.90 4.96 9.05
N VAL A 113 9.67 4.74 8.60
CA VAL A 113 8.53 4.69 9.50
C VAL A 113 8.75 3.55 10.53
N ALA A 114 9.17 2.37 10.08
CA ALA A 114 9.42 1.25 11.01
C ALA A 114 10.51 1.62 12.02
N ALA A 115 11.56 2.29 11.54
CA ALA A 115 12.69 2.66 12.40
C ALA A 115 12.23 3.60 13.52
N GLY A 116 11.25 4.45 13.21
CA GLY A 116 10.65 5.37 14.18
C GLY A 116 9.98 4.67 15.33
N TYR A 117 9.54 3.42 15.11
CA TYR A 117 8.94 2.56 16.13
C TYR A 117 9.95 1.62 16.80
N GLY A 118 11.23 1.76 16.44
CA GLY A 118 12.26 0.87 16.96
C GLY A 118 12.34 -0.46 16.22
N ILE A 119 11.75 -0.51 15.02
CA ILE A 119 11.65 -1.75 14.26
C ILE A 119 12.59 -1.73 13.07
N SER A 120 13.41 -2.78 12.95
CA SER A 120 14.34 -2.90 11.83
C SER A 120 13.65 -3.62 10.67
N ALA A 121 13.35 -2.86 9.61
CA ALA A 121 12.70 -3.41 8.44
C ALA A 121 13.59 -3.26 7.22
N TYR A 122 13.33 -4.05 6.20
CA TYR A 122 14.15 -3.96 4.99
C TYR A 122 13.36 -4.34 3.76
N PRO A 123 13.72 -3.78 2.60
CA PRO A 123 13.05 -4.19 1.37
C PRO A 123 13.29 -5.66 1.06
N THR A 124 14.44 -6.18 1.49
CA THR A 124 15.00 -7.48 1.09
C THR A 124 15.53 -7.39 -0.33
N PRO A 125 16.58 -8.15 -0.64
CA PRO A 125 17.05 -8.24 -2.02
C PRO A 125 16.10 -8.93 -3.00
N GLY A 126 15.23 -9.80 -2.48
CA GLY A 126 14.50 -10.72 -3.35
C GLY A 126 12.98 -10.70 -3.32
N TYR A 127 12.39 -10.04 -2.33
CA TYR A 127 10.93 -9.99 -2.19
C TYR A 127 10.39 -8.58 -2.27
N ALA A 128 9.35 -8.39 -3.09
CA ALA A 128 8.63 -7.13 -3.19
C ALA A 128 8.04 -6.78 -1.80
N GLY A 129 7.89 -5.49 -1.54
CA GLY A 129 7.36 -5.02 -0.26
C GLY A 129 8.45 -4.86 0.79
N VAL A 130 8.03 -4.49 1.99
CA VAL A 130 8.95 -4.27 3.12
C VAL A 130 8.70 -5.30 4.20
N TRP A 131 9.81 -5.87 4.69
CA TRP A 131 9.78 -7.03 5.57
C TRP A 131 10.43 -6.76 6.92
N VAL A 132 9.93 -7.44 7.94
CA VAL A 132 10.61 -7.49 9.24
C VAL A 132 10.91 -8.95 9.47
N GLY A 133 12.18 -9.31 9.37
CA GLY A 133 12.57 -10.71 9.29
C GLY A 133 11.81 -11.41 8.19
N GLU A 134 11.17 -12.52 8.55
CA GLU A 134 10.52 -13.37 7.57
C GLU A 134 9.08 -12.96 7.28
N ASP A 135 8.62 -11.84 7.86
CA ASP A 135 7.23 -11.43 7.72
C ASP A 135 7.05 -10.10 6.99
N LYS A 136 6.02 -10.00 6.16
CA LYS A 136 5.81 -8.80 5.36
C LYS A 136 5.01 -7.78 6.14
N LEU A 137 5.62 -6.61 6.35
CA LEU A 137 5.01 -5.51 7.09
C LEU A 137 4.17 -4.61 6.17
N CYS A 138 4.64 -4.45 4.93
CA CYS A 138 4.00 -3.52 4.02
C CYS A 138 4.07 -4.06 2.60
N ALA A 139 2.92 -4.19 1.94
CA ALA A 139 2.87 -4.62 0.54
C ALA A 139 3.01 -3.38 -0.34
N ILE A 140 3.66 -3.55 -1.48
CA ILE A 140 3.83 -2.45 -2.43
C ILE A 140 3.55 -2.96 -3.84
N GLY A 141 2.68 -2.24 -4.54
CA GLY A 141 2.29 -2.58 -5.92
C GLY A 141 1.73 -1.33 -6.57
N VAL A 142 2.40 -0.88 -7.63
CA VAL A 142 2.05 0.37 -8.29
C VAL A 142 1.72 0.17 -9.76
N ALA A 143 1.13 1.20 -10.34
CA ALA A 143 0.94 1.30 -11.78
C ALA A 143 1.44 2.69 -12.17
N VAL A 144 1.91 2.82 -13.41
CA VAL A 144 2.32 4.12 -13.92
C VAL A 144 1.71 4.28 -15.29
N LYS A 145 1.06 5.42 -15.50
CA LYS A 145 0.39 5.72 -16.76
C LYS A 145 0.65 7.19 -17.05
N GLU A 146 1.06 7.48 -18.28
CA GLU A 146 1.39 8.84 -18.70
C GLU A 146 2.40 9.49 -17.76
N GLY A 147 3.32 8.68 -17.24
CA GLY A 147 4.39 9.16 -16.38
C GLY A 147 3.97 9.54 -14.96
N VAL A 148 2.76 9.16 -14.58
CA VAL A 148 2.26 9.44 -13.24
C VAL A 148 1.83 8.13 -12.59
N SER A 149 2.27 7.94 -11.34
CA SER A 149 1.98 6.72 -10.61
C SER A 149 0.57 6.70 -10.04
N PHE A 150 0.09 5.49 -9.78
CA PHE A 150 -1.08 5.26 -8.91
C PHE A 150 -0.96 3.89 -8.26
N HIS A 151 -1.99 3.47 -7.52
CA HIS A 151 -1.85 2.42 -6.52
C HIS A 151 -0.72 2.82 -5.57
N GLY A 152 0.00 1.89 -4.96
CA GLY A 152 0.96 2.34 -3.96
C GLY A 152 1.37 1.30 -2.96
N PHE A 153 1.05 1.52 -1.68
CA PHE A 153 1.50 0.64 -0.61
C PHE A 153 0.41 0.41 0.43
N ALA A 154 0.59 -0.63 1.23
CA ALA A 154 -0.38 -0.99 2.26
C ALA A 154 0.38 -1.44 3.49
N LEU A 155 0.48 -0.54 4.46
CA LEU A 155 1.23 -0.75 5.70
C LEU A 155 0.32 -1.34 6.76
N ASN A 156 0.69 -2.49 7.29
CA ASN A 156 -0.12 -3.10 8.33
C ASN A 156 0.14 -2.43 9.66
N VAL A 157 -0.86 -1.68 10.15
CA VAL A 157 -0.74 -0.98 11.41
C VAL A 157 -1.44 -1.83 12.46
N ASN A 158 -2.77 -1.88 12.38
CA ASN A 158 -3.62 -2.69 13.30
C ASN A 158 -4.45 -3.72 12.55
N THR A 159 -3.97 -4.10 11.38
CA THR A 159 -4.69 -5.01 10.50
C THR A 159 -5.10 -6.32 11.18
N ASP A 160 -6.26 -6.84 10.79
CA ASP A 160 -6.60 -8.22 11.12
C ASP A 160 -5.82 -9.15 10.22
N LEU A 161 -4.66 -9.58 10.70
CA LEU A 161 -3.74 -10.35 9.88
C LEU A 161 -4.29 -11.73 9.51
N ASN A 162 -5.28 -12.20 10.27
CA ASN A 162 -5.88 -13.49 9.99
C ASN A 162 -6.55 -13.49 8.63
N ASP A 163 -6.92 -12.31 8.14
CA ASP A 163 -7.60 -12.19 6.86
C ASP A 163 -6.69 -12.50 5.67
N PHE A 164 -5.36 -12.50 5.90
CA PHE A 164 -4.44 -12.86 4.82
C PHE A 164 -4.40 -14.35 4.53
N THR A 165 -4.85 -15.16 5.48
CA THR A 165 -4.70 -16.61 5.36
C THR A 165 -5.52 -17.18 4.20
N VAL A 166 -6.59 -16.50 3.81
CA VAL A 166 -7.47 -16.97 2.73
C VAL A 166 -6.96 -16.67 1.32
N ILE A 167 -5.85 -15.93 1.23
CA ILE A 167 -5.24 -15.69 -0.08
C ILE A 167 -3.86 -16.31 -0.14
N VAL A 168 -3.45 -16.66 -1.36
CA VAL A 168 -2.28 -17.50 -1.57
C VAL A 168 -1.35 -16.83 -2.59
N PRO A 169 -0.43 -15.97 -2.13
CA PRO A 169 0.58 -15.38 -3.01
C PRO A 169 1.39 -16.42 -3.76
N CYS A 170 1.84 -16.07 -4.97
CA CYS A 170 2.73 -16.93 -5.77
C CYS A 170 4.11 -16.27 -5.86
N GLY A 171 5.11 -17.10 -6.18
CA GLY A 171 6.47 -16.60 -6.38
C GLY A 171 7.29 -16.54 -5.11
N LEU A 172 8.40 -15.81 -5.19
CA LEU A 172 9.37 -15.70 -4.09
C LEU A 172 8.83 -14.82 -2.96
N LYS A 173 8.82 -15.38 -1.75
CA LYS A 173 8.32 -14.67 -0.57
C LYS A 173 8.90 -15.22 0.71
N GLY A 174 8.69 -14.47 1.79
CA GLY A 174 9.01 -14.94 3.13
C GLY A 174 7.95 -15.88 3.63
N LYS A 175 7.79 -15.93 4.95
CA LYS A 175 6.93 -16.92 5.56
C LYS A 175 5.54 -16.37 5.90
N GLY A 176 5.48 -15.15 6.42
CA GLY A 176 4.21 -14.63 6.89
C GLY A 176 3.99 -13.15 6.67
N VAL A 177 3.10 -12.59 7.47
CA VAL A 177 2.76 -11.18 7.43
C VAL A 177 2.78 -10.68 8.86
N THR A 178 3.04 -9.39 9.01
CA THR A 178 3.07 -8.79 10.34
C THR A 178 2.54 -7.38 10.29
N SER A 179 2.42 -6.77 11.47
CA SER A 179 1.88 -5.42 11.58
C SER A 179 2.60 -4.70 12.72
N LEU A 180 2.51 -3.37 12.76
CA LEU A 180 3.04 -2.64 13.91
C LEU A 180 2.44 -3.17 15.21
N GLU A 181 1.13 -3.41 15.22
CA GLU A 181 0.44 -3.94 16.38
C GLU A 181 1.01 -5.29 16.83
N LYS A 182 1.24 -6.19 15.88
CA LYS A 182 1.77 -7.50 16.24
C LYS A 182 3.19 -7.37 16.79
N LEU A 183 4.00 -6.52 16.18
CA LEU A 183 5.40 -6.38 16.56
C LEU A 183 5.54 -5.70 17.91
N LEU A 184 4.63 -4.78 18.21
CA LEU A 184 4.70 -3.98 19.43
C LEU A 184 3.83 -4.51 20.56
N GLY A 185 2.93 -5.45 20.26
CA GLY A 185 2.01 -6.01 21.28
C GLY A 185 0.85 -5.11 21.71
N ARG A 186 0.53 -4.12 20.89
CA ARG A 186 -0.52 -3.16 21.18
C ARG A 186 -0.84 -2.39 19.91
N LYS A 187 -2.07 -1.91 19.83
CA LYS A 187 -2.51 -1.06 18.72
C LYS A 187 -1.78 0.27 18.72
N VAL A 188 -1.51 0.76 17.52
CA VAL A 188 -0.83 2.03 17.26
C VAL A 188 -1.87 2.97 16.64
N PRO A 189 -1.99 4.22 17.14
CA PRO A 189 -3.04 5.05 16.55
C PRO A 189 -2.83 5.31 15.05
N MET A 190 -3.88 5.11 14.28
CA MET A 190 -3.83 5.34 12.84
C MET A 190 -3.42 6.78 12.49
N GLU A 191 -3.88 7.76 13.29
CA GLU A 191 -3.53 9.15 13.04
C GLU A 191 -2.00 9.35 13.09
N GLU A 192 -1.36 8.69 14.06
CA GLU A 192 0.07 8.74 14.22
C GLU A 192 0.82 8.06 13.07
N ALA A 193 0.38 6.87 12.68
CA ALA A 193 1.00 6.17 11.56
C ALA A 193 0.94 7.04 10.32
N LYS A 194 -0.22 7.67 10.06
CA LYS A 194 -0.32 8.60 8.94
C LYS A 194 0.70 9.75 9.03
N ALA A 195 0.81 10.37 10.20
CA ALA A 195 1.75 11.46 10.39
C ALA A 195 3.20 11.00 10.15
N ARG A 196 3.53 9.80 10.61
CA ARG A 196 4.88 9.29 10.44
C ARG A 196 5.18 8.98 8.98
N VAL A 197 4.19 8.48 8.26
CA VAL A 197 4.33 8.26 6.82
C VAL A 197 4.57 9.57 6.07
N VAL A 198 3.81 10.61 6.40
CA VAL A 198 3.96 11.89 5.72
C VAL A 198 5.37 12.41 5.94
N ALA A 199 5.84 12.36 7.18
CA ALA A 199 7.19 12.84 7.49
C ALA A 199 8.27 12.06 6.74
N ALA A 200 8.08 10.74 6.63
CA ALA A 200 9.03 9.89 5.92
C ALA A 200 9.03 10.20 4.43
N PHE A 201 7.85 10.40 3.85
CA PHE A 201 7.77 10.74 2.42
C PHE A 201 8.44 12.08 2.17
N ALA A 202 8.19 13.04 3.06
CA ALA A 202 8.79 14.38 2.97
C ALA A 202 10.31 14.29 2.93
N GLU A 203 10.87 13.46 3.79
CA GLU A 203 12.33 13.33 3.90
C GLU A 203 12.93 12.61 2.69
N VAL A 204 12.32 11.48 2.32
CA VAL A 204 12.83 10.67 1.24
C VAL A 204 12.74 11.38 -0.12
N PHE A 205 11.59 11.99 -0.39
CA PHE A 205 11.39 12.68 -1.68
C PHE A 205 11.94 14.10 -1.71
N GLY A 206 12.30 14.61 -0.55
CA GLY A 206 12.79 15.98 -0.43
C GLY A 206 11.75 17.02 -0.80
N LEU A 207 10.51 16.79 -0.37
CA LEU A 207 9.40 17.69 -0.68
C LEU A 207 8.70 18.13 0.61
N ARG A 208 8.12 19.33 0.59
CA ARG A 208 7.41 19.88 1.73
C ARG A 208 5.94 19.47 1.67
N PRO A 209 5.42 18.86 2.75
CA PRO A 209 4.03 18.43 2.75
C PRO A 209 3.10 19.58 3.01
N VAL A 210 2.03 19.65 2.21
CA VAL A 210 0.96 20.62 2.41
C VAL A 210 -0.39 19.91 2.68
CAA OC9 B . -1.73 -0.71 -2.67
CAC OC9 B . -0.70 -1.78 -2.33
CAE OC9 B . -1.04 -3.12 -2.97
CAG OC9 B . 0.14 -4.10 -2.86
CAI OC9 B . -0.07 -5.39 -3.66
CAH OC9 B . 1.08 -6.37 -3.44
CAF OC9 B . 0.90 -7.66 -4.25
CAD OC9 B . 2.27 -8.28 -4.54
OAB OC9 B . 2.15 -9.69 -4.73
#